data_6O3X
#
_entry.id   6O3X
#
_cell.length_a   98.690
_cell.length_b   102.400
_cell.length_c   115.360
_cell.angle_alpha   90.00
_cell.angle_beta   90.00
_cell.angle_gamma   90.00
#
_symmetry.space_group_name_H-M   'C 2 2 21'
#
loop_
_entity.id
_entity.type
_entity.pdbx_description
1 polymer 'Protein NRD1'
2 polymer 'Helicase SEN1'
3 non-polymer 'CHLORIDE ION'
4 water water
#
loop_
_entity_poly.entity_id
_entity_poly.type
_entity_poly.pdbx_seq_one_letter_code
_entity_poly.pdbx_strand_id
1 'polypeptide(L)'
;MGSSHHHHHHSSGLVPRGSHMDFQNFVATLESFKDLKSGISGSRIKKLTTYALDHIDIESKIISLIIDYSRLCPDSHKLG
SLYIIDSIGRAYLDETRSNSNSSSNKPGTCAHAINTLGEVIQELLSDAIAKSNQDHKEKIRMLLDIWDRSGLFQKSYLNA
IRSKCFAMDISN
;
A,B,C
2 'polypeptide(L)' DDEDDYTPSISD D,E,F
#
# COMPACT_ATOMS: atom_id res chain seq x y z
N HIS A 20 -3.74 -13.05 0.38
CA HIS A 20 -3.07 -12.61 -0.83
C HIS A 20 -1.54 -12.67 -0.70
N MET A 21 -0.88 -13.08 -1.79
CA MET A 21 0.57 -13.15 -1.85
C MET A 21 1.19 -11.78 -1.60
N ASP A 22 2.11 -11.70 -0.64
CA ASP A 22 2.77 -10.44 -0.32
C ASP A 22 4.24 -10.54 -0.73
N PHE A 23 4.99 -9.45 -0.51
CA PHE A 23 6.36 -9.42 -1.02
C PHE A 23 7.23 -10.47 -0.34
N GLN A 24 7.01 -10.73 0.95
CA GLN A 24 7.77 -11.78 1.62
C GLN A 24 7.50 -13.15 1.00
N ASN A 25 6.27 -13.41 0.57
CA ASN A 25 5.96 -14.62 -0.20
C ASN A 25 6.77 -14.67 -1.50
N PHE A 26 6.89 -13.52 -2.19
CA PHE A 26 7.68 -13.46 -3.41
C PHE A 26 9.13 -13.82 -3.13
N VAL A 27 9.68 -13.24 -2.06
CA VAL A 27 11.05 -13.57 -1.64
C VAL A 27 11.19 -15.07 -1.37
N ALA A 28 10.27 -15.61 -0.55
CA ALA A 28 10.32 -17.04 -0.19
C ALA A 28 10.25 -17.93 -1.42
N THR A 29 9.36 -17.60 -2.36
CA THR A 29 9.24 -18.40 -3.58
C THR A 29 10.54 -18.41 -4.36
N LEU A 30 11.12 -17.22 -4.57
CA LEU A 30 12.41 -17.16 -5.24
C LEU A 30 13.49 -17.93 -4.47
N GLU A 31 13.53 -17.78 -3.13
CA GLU A 31 14.48 -18.51 -2.31
C GLU A 31 14.35 -20.01 -2.48
N SER A 32 13.12 -20.50 -2.69
CA SER A 32 12.88 -21.93 -2.81
C SER A 32 13.46 -22.53 -4.10
N PHE A 33 13.92 -21.71 -5.06
CA PHE A 33 14.49 -22.29 -6.27
C PHE A 33 15.77 -23.07 -5.99
N LYS A 34 16.49 -22.71 -4.91
CA LYS A 34 17.65 -23.47 -4.45
C LYS A 34 17.36 -24.94 -4.30
N ASP A 35 16.12 -25.29 -3.94
CA ASP A 35 15.72 -26.65 -3.61
C ASP A 35 15.40 -27.49 -4.84
N LEU A 36 15.31 -26.87 -6.01
CA LEU A 36 15.06 -27.55 -7.27
C LEU A 36 16.36 -28.03 -7.87
N LYS A 37 16.41 -29.32 -8.22
CA LYS A 37 17.59 -29.85 -8.88
C LYS A 37 17.95 -29.03 -10.12
N SER A 38 16.97 -28.81 -11.00
CA SER A 38 17.19 -28.07 -12.25
C SER A 38 17.22 -26.55 -12.07
N GLY A 39 16.77 -26.03 -10.94
CA GLY A 39 16.60 -24.59 -10.82
C GLY A 39 15.47 -24.01 -11.66
N ILE A 40 14.57 -24.86 -12.17
CA ILE A 40 13.53 -24.42 -13.08
C ILE A 40 12.18 -24.95 -12.59
N SER A 41 11.18 -24.08 -12.55
CA SER A 41 9.83 -24.51 -12.21
C SER A 41 8.85 -23.61 -12.96
N GLY A 42 8.15 -24.18 -13.95
CA GLY A 42 7.15 -23.41 -14.66
C GLY A 42 6.08 -22.83 -13.75
N SER A 43 5.56 -23.64 -12.81
CA SER A 43 4.50 -23.13 -11.95
C SER A 43 5.02 -22.04 -11.01
N ARG A 44 6.24 -22.18 -10.49
CA ARG A 44 6.79 -21.14 -9.62
C ARG A 44 7.16 -19.89 -10.42
N ILE A 45 7.65 -20.04 -11.64
CA ILE A 45 7.88 -18.85 -12.47
C ILE A 45 6.57 -18.14 -12.73
N LYS A 46 5.49 -18.90 -12.94
CA LYS A 46 4.19 -18.29 -13.21
C LYS A 46 3.67 -17.54 -11.99
N LYS A 47 3.91 -18.08 -10.79
CA LYS A 47 3.52 -17.40 -9.56
C LYS A 47 4.26 -16.07 -9.41
N LEU A 48 5.57 -16.08 -9.63
CA LEU A 48 6.36 -14.84 -9.56
C LEU A 48 5.90 -13.82 -10.60
N THR A 49 5.54 -14.29 -11.78
CA THR A 49 5.17 -13.38 -12.85
C THR A 49 3.81 -12.72 -12.57
N THR A 50 2.86 -13.52 -12.08
CA THR A 50 1.56 -13.00 -11.69
C THR A 50 1.70 -11.99 -10.57
N TYR A 51 2.57 -12.28 -9.60
CA TYR A 51 2.84 -11.29 -8.56
C TYR A 51 3.44 -10.03 -9.15
N ALA A 52 4.38 -10.17 -10.08
CA ALA A 52 5.03 -8.98 -10.65
C ALA A 52 4.04 -8.13 -11.43
N LEU A 53 3.10 -8.76 -12.15
CA LEU A 53 2.09 -8.01 -12.88
C LEU A 53 1.10 -7.32 -11.94
N ASP A 54 0.92 -7.86 -10.74
CA ASP A 54 -0.02 -7.29 -9.79
C ASP A 54 0.60 -6.23 -8.89
N HIS A 55 1.91 -6.05 -8.94
CA HIS A 55 2.63 -5.16 -8.01
C HIS A 55 3.69 -4.37 -8.74
N ILE A 56 3.34 -3.85 -9.92
CA ILE A 56 4.24 -2.98 -10.67
C ILE A 56 4.61 -1.75 -9.88
N ASP A 57 3.76 -1.34 -8.94
CA ASP A 57 4.10 -0.21 -8.06
C ASP A 57 5.36 -0.43 -7.25
N ILE A 58 5.80 -1.69 -7.06
CA ILE A 58 7.09 -1.93 -6.43
C ILE A 58 8.00 -2.73 -7.36
N GLU A 59 7.92 -2.47 -8.66
CA GLU A 59 8.78 -3.19 -9.60
C GLU A 59 10.26 -3.00 -9.28
N SER A 60 10.65 -1.84 -8.71
CA SER A 60 12.07 -1.61 -8.45
C SER A 60 12.66 -2.68 -7.51
N LYS A 61 11.93 -3.05 -6.47
CA LYS A 61 12.53 -4.07 -5.61
C LYS A 61 12.27 -5.48 -6.13
N ILE A 62 11.20 -5.71 -6.90
CA ILE A 62 11.08 -6.97 -7.62
C ILE A 62 12.25 -7.15 -8.59
N ILE A 63 12.53 -6.11 -9.39
CA ILE A 63 13.55 -6.22 -10.43
C ILE A 63 14.94 -6.35 -9.82
N SER A 64 15.24 -5.57 -8.77
CA SER A 64 16.59 -5.71 -8.21
C SER A 64 16.78 -7.10 -7.61
N LEU A 65 15.72 -7.70 -7.07
CA LEU A 65 15.81 -9.05 -6.54
C LEU A 65 16.07 -10.09 -7.62
N ILE A 66 15.34 -10.03 -8.75
CA ILE A 66 15.53 -11.08 -9.75
C ILE A 66 16.84 -10.88 -10.49
N ILE A 67 17.33 -9.65 -10.59
CA ILE A 67 18.68 -9.42 -11.06
C ILE A 67 19.69 -10.07 -10.12
N ASP A 68 19.52 -9.83 -8.82
CA ASP A 68 20.47 -10.37 -7.85
C ASP A 68 20.34 -11.89 -7.74
N TYR A 69 19.13 -12.43 -7.91
CA TYR A 69 18.99 -13.88 -7.98
C TYR A 69 19.83 -14.46 -9.12
N SER A 70 19.76 -13.84 -10.31
CA SER A 70 20.60 -14.29 -11.42
C SER A 70 22.09 -14.15 -11.10
N ARG A 71 22.48 -13.05 -10.46
CA ARG A 71 23.88 -12.86 -10.10
C ARG A 71 24.38 -13.96 -9.16
N LEU A 72 23.54 -14.37 -8.22
CA LEU A 72 24.03 -15.11 -7.06
C LEU A 72 23.68 -16.59 -7.07
N CYS A 73 22.78 -17.05 -7.93
CA CYS A 73 22.34 -18.44 -7.87
C CYS A 73 23.46 -19.37 -8.36
N PRO A 74 23.36 -20.68 -8.09
CA PRO A 74 24.42 -21.60 -8.52
C PRO A 74 24.48 -21.72 -10.04
N ASP A 75 25.61 -22.25 -10.51
CA ASP A 75 25.89 -22.25 -11.95
C ASP A 75 24.79 -22.94 -12.75
N SER A 76 24.40 -24.14 -12.33
CA SER A 76 23.39 -24.87 -13.09
C SER A 76 22.00 -24.25 -12.98
N HIS A 77 21.83 -23.26 -12.09
CA HIS A 77 20.56 -22.58 -11.96
C HIS A 77 20.53 -21.25 -12.72
N LYS A 78 21.64 -20.87 -13.37
CA LYS A 78 21.67 -19.62 -14.13
C LYS A 78 20.59 -19.59 -15.20
N LEU A 79 20.35 -20.72 -15.87
CA LEU A 79 19.32 -20.77 -16.91
C LEU A 79 17.95 -20.40 -16.37
N GLY A 80 17.56 -21.01 -15.24
CA GLY A 80 16.28 -20.67 -14.62
C GLY A 80 16.18 -19.20 -14.23
N SER A 81 17.29 -18.60 -13.78
CA SER A 81 17.27 -17.16 -13.49
C SER A 81 16.95 -16.33 -14.73
N LEU A 82 17.44 -16.73 -15.90
CA LEU A 82 17.06 -16.04 -17.14
C LEU A 82 15.63 -16.33 -17.55
N TYR A 83 15.10 -17.50 -17.23
CA TYR A 83 13.68 -17.74 -17.47
C TYR A 83 12.80 -16.84 -16.62
N ILE A 84 13.22 -16.59 -15.37
CA ILE A 84 12.45 -15.68 -14.53
C ILE A 84 12.46 -14.29 -15.14
N ILE A 85 13.62 -13.86 -15.61
CA ILE A 85 13.71 -12.54 -16.25
C ILE A 85 12.91 -12.51 -17.54
N ASP A 86 12.96 -13.60 -18.31
CA ASP A 86 12.18 -13.70 -19.54
C ASP A 86 10.69 -13.57 -19.26
N SER A 87 10.20 -14.32 -18.27
CA SER A 87 8.77 -14.34 -17.97
C SER A 87 8.28 -12.98 -17.50
N ILE A 88 8.96 -12.40 -16.50
CA ILE A 88 8.56 -11.10 -16.01
C ILE A 88 8.83 -10.02 -17.06
N GLY A 89 9.96 -10.14 -17.75
CA GLY A 89 10.32 -9.12 -18.72
C GLY A 89 9.34 -9.02 -19.87
N ARG A 90 8.97 -10.16 -20.46
CA ARG A 90 8.01 -10.13 -21.57
C ARG A 90 6.58 -9.90 -21.11
N ALA A 91 6.21 -10.22 -19.85
CA ALA A 91 4.91 -9.80 -19.34
C ALA A 91 4.85 -8.28 -19.25
N TYR A 92 5.91 -7.66 -18.73
CA TYR A 92 5.98 -6.21 -18.65
C TYR A 92 6.08 -5.57 -20.04
N LEU A 93 6.80 -6.22 -20.95
CA LEU A 93 6.87 -5.70 -22.31
C LEU A 93 5.49 -5.67 -22.96
N ASP A 94 4.70 -6.73 -22.76
CA ASP A 94 3.34 -6.74 -23.27
C ASP A 94 2.51 -5.61 -22.69
N GLU A 95 2.66 -5.33 -21.38
CA GLU A 95 1.96 -4.17 -20.81
C GLU A 95 2.32 -2.88 -21.53
N THR A 96 3.63 -2.65 -21.79
CA THR A 96 4.01 -1.38 -22.41
C THR A 96 3.34 -1.19 -23.77
N ARG A 97 3.14 -2.28 -24.51
CA ARG A 97 2.53 -2.17 -25.83
C ARG A 97 1.01 -2.09 -25.77
N SER A 98 0.39 -2.73 -24.78
CA SER A 98 -1.03 -2.53 -24.53
C SER A 98 -1.31 -1.09 -24.14
N ASN A 99 -0.39 -0.48 -23.39
CA ASN A 99 -0.62 0.79 -22.73
C ASN A 99 0.08 1.96 -23.40
N SER A 100 0.81 1.70 -24.50
CA SER A 100 1.53 2.73 -25.25
C SER A 100 2.36 3.62 -24.32
N ASN A 101 3.16 2.99 -23.46
CA ASN A 101 3.91 3.71 -22.43
C ASN A 101 5.41 3.47 -22.63
N SER A 102 6.19 4.55 -22.60
CA SER A 102 7.64 4.49 -22.76
C SER A 102 8.34 5.29 -21.66
N SER A 103 7.79 5.27 -20.45
CA SER A 103 8.34 6.03 -19.32
C SER A 103 9.53 5.28 -18.70
N SER A 104 10.58 5.14 -19.50
CA SER A 104 11.72 4.28 -19.16
C SER A 104 12.45 4.72 -17.89
N ASN A 105 12.24 5.95 -17.43
CA ASN A 105 12.93 6.41 -16.24
C ASN A 105 12.00 6.62 -15.04
N LYS A 106 10.73 6.25 -15.16
CA LYS A 106 9.80 6.52 -14.06
C LYS A 106 9.65 5.27 -13.20
N PRO A 107 10.09 5.29 -11.93
CA PRO A 107 9.94 4.11 -11.08
C PRO A 107 8.47 3.76 -10.92
N GLY A 108 8.21 2.46 -10.74
CA GLY A 108 6.84 2.01 -10.65
C GLY A 108 6.16 1.79 -11.98
N THR A 109 6.93 1.66 -13.08
CA THR A 109 6.37 1.42 -14.41
C THR A 109 7.05 0.20 -15.03
N CYS A 110 6.31 -0.47 -15.91
CA CYS A 110 6.88 -1.57 -16.67
C CYS A 110 8.05 -1.12 -17.52
N ALA A 111 7.93 0.05 -18.15
CA ALA A 111 9.00 0.51 -19.02
C ALA A 111 10.29 0.71 -18.23
N HIS A 112 10.20 1.21 -17.01
CA HIS A 112 11.41 1.41 -16.22
C HIS A 112 12.01 0.08 -15.77
N ALA A 113 11.15 -0.88 -15.38
CA ALA A 113 11.62 -2.21 -15.04
C ALA A 113 12.42 -2.83 -16.17
N ILE A 114 11.91 -2.74 -17.39
CA ILE A 114 12.60 -3.36 -18.54
C ILE A 114 13.92 -2.64 -18.81
N ASN A 115 13.93 -1.32 -18.61
CA ASN A 115 15.14 -0.54 -18.78
C ASN A 115 16.21 -0.94 -17.76
N THR A 116 15.81 -1.17 -16.51
CA THR A 116 16.76 -1.62 -15.51
C THR A 116 17.33 -2.98 -15.86
N LEU A 117 16.47 -3.93 -16.28
CA LEU A 117 16.98 -5.22 -16.71
C LEU A 117 17.94 -5.08 -17.89
N GLY A 118 17.60 -4.23 -18.86
CA GLY A 118 18.46 -4.07 -20.03
C GLY A 118 19.84 -3.54 -19.68
N GLU A 119 19.95 -2.72 -18.62
CA GLU A 119 21.26 -2.20 -18.24
C GLU A 119 22.17 -3.27 -17.69
N VAL A 120 21.63 -4.38 -17.16
CA VAL A 120 22.50 -5.44 -16.68
C VAL A 120 22.46 -6.68 -17.57
N ILE A 121 21.70 -6.67 -18.66
CA ILE A 121 21.41 -7.99 -19.22
C ILE A 121 22.66 -8.60 -19.86
N GLN A 122 23.57 -7.77 -20.39
CA GLN A 122 24.77 -8.36 -21.00
C GLN A 122 25.66 -9.03 -19.97
N GLU A 123 25.85 -8.37 -18.83
CA GLU A 123 26.57 -9.02 -17.73
C GLU A 123 25.89 -10.33 -17.34
N LEU A 124 24.57 -10.31 -17.17
CA LEU A 124 23.88 -11.50 -16.69
C LEU A 124 23.96 -12.65 -17.70
N LEU A 125 23.84 -12.32 -19.00
CA LEU A 125 23.98 -13.33 -20.05
C LEU A 125 25.39 -13.89 -20.10
N SER A 126 26.41 -13.00 -20.13
CA SER A 126 27.79 -13.49 -20.24
C SER A 126 28.13 -14.43 -19.09
N ASP A 127 27.74 -14.07 -17.87
CA ASP A 127 28.03 -14.94 -16.74
C ASP A 127 27.25 -16.25 -16.84
N ALA A 128 25.96 -16.18 -17.21
CA ALA A 128 25.13 -17.40 -17.25
C ALA A 128 25.62 -18.37 -18.31
N ILE A 129 26.03 -17.85 -19.47
CA ILE A 129 26.54 -18.72 -20.53
C ILE A 129 27.88 -19.33 -20.11
N ALA A 130 28.77 -18.51 -19.56
CA ALA A 130 30.08 -19.04 -19.16
C ALA A 130 29.98 -20.14 -18.12
N LYS A 131 29.00 -20.05 -17.19
CA LYS A 131 28.85 -21.00 -16.10
C LYS A 131 27.93 -22.17 -16.40
N SER A 132 27.33 -22.23 -17.59
CA SER A 132 26.39 -23.29 -17.96
C SER A 132 27.11 -24.42 -18.69
N ASN A 133 26.56 -25.62 -18.58
CA ASN A 133 27.02 -26.72 -19.43
C ASN A 133 26.44 -26.54 -20.84
N GLN A 134 26.83 -27.45 -21.74
CA GLN A 134 26.47 -27.29 -23.15
C GLN A 134 24.95 -27.28 -23.35
N ASP A 135 24.23 -28.12 -22.60
CA ASP A 135 22.78 -28.17 -22.72
C ASP A 135 22.12 -26.87 -22.29
N HIS A 136 22.54 -26.29 -21.15
CA HIS A 136 21.95 -25.02 -20.75
C HIS A 136 22.37 -23.88 -21.65
N LYS A 137 23.59 -23.93 -22.20
CA LYS A 137 24.00 -22.93 -23.18
C LYS A 137 23.06 -22.91 -24.38
N GLU A 138 22.66 -24.09 -24.87
CA GLU A 138 21.74 -24.15 -26.00
C GLU A 138 20.38 -23.56 -25.64
N LYS A 139 19.93 -23.78 -24.40
CA LYS A 139 18.68 -23.16 -23.96
C LYS A 139 18.81 -21.64 -23.82
N ILE A 140 19.98 -21.15 -23.40
CA ILE A 140 20.19 -19.70 -23.41
C ILE A 140 20.19 -19.17 -24.85
N ARG A 141 20.80 -19.90 -25.78
CA ARG A 141 20.73 -19.49 -27.20
C ARG A 141 19.29 -19.29 -27.65
N MET A 142 18.40 -20.21 -27.27
CA MET A 142 16.99 -20.09 -27.65
C MET A 142 16.35 -18.83 -27.06
N LEU A 143 16.67 -18.51 -25.81
CA LEU A 143 16.19 -17.26 -25.21
C LEU A 143 16.69 -16.03 -25.97
N LEU A 144 17.94 -16.05 -26.41
CA LEU A 144 18.45 -14.93 -27.20
C LEU A 144 17.64 -14.75 -28.48
N ASP A 145 17.25 -15.85 -29.12
CA ASP A 145 16.38 -15.79 -30.29
C ASP A 145 15.05 -15.11 -29.96
N ILE A 146 14.42 -15.53 -28.87
CA ILE A 146 13.12 -14.99 -28.46
C ILE A 146 13.25 -13.52 -28.05
N TRP A 147 14.32 -13.17 -27.32
CA TRP A 147 14.51 -11.78 -26.94
C TRP A 147 14.78 -10.90 -28.17
N ASP A 148 15.51 -11.43 -29.13
CA ASP A 148 15.74 -10.67 -30.36
C ASP A 148 14.44 -10.46 -31.12
N ARG A 149 13.63 -11.52 -31.23
CA ARG A 149 12.41 -11.42 -32.01
C ARG A 149 11.34 -10.60 -31.29
N SER A 150 11.19 -10.78 -29.96
CA SER A 150 10.15 -10.06 -29.23
C SER A 150 10.46 -8.58 -29.04
N GLY A 151 11.71 -8.17 -29.18
CA GLY A 151 12.05 -6.79 -28.90
C GLY A 151 12.28 -6.46 -27.43
N LEU A 152 12.53 -7.46 -26.59
CA LEU A 152 12.62 -7.21 -25.15
C LEU A 152 13.82 -6.35 -24.77
N PHE A 153 14.99 -6.68 -25.28
CA PHE A 153 16.17 -5.87 -25.00
C PHE A 153 16.74 -5.31 -26.29
N GLN A 154 17.56 -4.26 -26.16
CA GLN A 154 18.24 -3.66 -27.31
C GLN A 154 18.97 -4.72 -28.08
N LYS A 155 18.66 -4.84 -29.37
CA LYS A 155 19.32 -5.85 -30.19
C LYS A 155 20.83 -5.66 -30.19
N SER A 156 21.31 -4.42 -30.09
CA SER A 156 22.76 -4.21 -30.09
C SER A 156 23.42 -4.85 -28.88
N TYR A 157 22.73 -4.86 -27.74
CA TYR A 157 23.29 -5.56 -26.57
C TYR A 157 23.31 -7.06 -26.81
N LEU A 158 22.22 -7.62 -27.35
CA LEU A 158 22.16 -9.04 -27.60
C LEU A 158 23.16 -9.44 -28.68
N ASN A 159 23.35 -8.57 -29.68
CA ASN A 159 24.37 -8.81 -30.69
C ASN A 159 25.74 -9.00 -30.05
N ALA A 160 26.10 -8.13 -29.09
CA ALA A 160 27.42 -8.25 -28.49
C ALA A 160 27.59 -9.61 -27.83
N ILE A 161 26.56 -10.08 -27.14
CA ILE A 161 26.60 -11.40 -26.53
C ILE A 161 26.63 -12.50 -27.59
N ARG A 162 25.72 -12.44 -28.56
CA ARG A 162 25.60 -13.51 -29.53
C ARG A 162 26.89 -13.65 -30.36
N SER A 163 27.52 -12.53 -30.71
CA SER A 163 28.78 -12.61 -31.45
C SER A 163 29.90 -13.24 -30.63
N LYS A 164 29.91 -13.07 -29.31
CA LYS A 164 30.94 -13.70 -28.49
C LYS A 164 30.71 -15.19 -28.29
N CYS A 165 29.45 -15.61 -28.09
CA CYS A 165 29.16 -16.95 -27.57
C CYS A 165 28.49 -17.87 -28.56
N PHE A 166 27.79 -17.35 -29.57
CA PHE A 166 26.88 -18.17 -30.36
C PHE A 166 27.08 -18.00 -31.86
N ALA A 167 28.21 -17.44 -32.28
CA ALA A 167 28.42 -17.26 -33.71
C ALA A 167 29.33 -18.35 -34.26
N MET B 21 -11.50 27.60 6.24
CA MET B 21 -11.50 26.14 6.36
C MET B 21 -10.12 25.60 6.68
N ASP B 22 -10.01 24.86 7.77
CA ASP B 22 -8.76 24.26 8.22
C ASP B 22 -8.84 22.75 8.11
N PHE B 23 -7.77 22.08 8.51
CA PHE B 23 -7.69 20.63 8.35
C PHE B 23 -8.67 19.91 9.27
N GLN B 24 -8.97 20.47 10.44
CA GLN B 24 -10.01 19.92 11.29
C GLN B 24 -11.36 19.94 10.58
N ASN B 25 -11.62 20.99 9.80
CA ASN B 25 -12.85 21.02 9.01
C ASN B 25 -12.82 19.98 7.90
N PHE B 26 -11.65 19.71 7.33
CA PHE B 26 -11.53 18.63 6.36
C PHE B 26 -11.87 17.30 6.98
N VAL B 27 -11.30 17.03 8.17
CA VAL B 27 -11.58 15.79 8.88
C VAL B 27 -13.07 15.66 9.18
N ALA B 28 -13.68 16.73 9.71
CA ALA B 28 -15.09 16.68 10.08
C ALA B 28 -15.98 16.53 8.84
N THR B 29 -15.58 17.11 7.72
CA THR B 29 -16.34 16.95 6.49
C THR B 29 -16.30 15.50 6.02
N LEU B 30 -15.10 14.91 6.01
CA LEU B 30 -14.98 13.49 5.68
C LEU B 30 -15.74 12.62 6.67
N GLU B 31 -15.63 12.91 7.97
CA GLU B 31 -16.37 12.13 8.97
C GLU B 31 -17.87 12.16 8.73
N SER B 32 -18.40 13.26 8.20
CA SER B 32 -19.84 13.40 7.99
C SER B 32 -20.37 12.49 6.87
N PHE B 33 -19.51 11.87 6.08
CA PHE B 33 -20.01 11.00 5.02
C PHE B 33 -20.76 9.79 5.57
N LYS B 34 -20.49 9.38 6.81
CA LYS B 34 -21.26 8.29 7.43
C LYS B 34 -22.76 8.59 7.47
N ASP B 35 -23.14 9.86 7.61
CA ASP B 35 -24.57 10.17 7.68
C ASP B 35 -25.24 10.20 6.31
N LEU B 36 -24.49 10.05 5.23
CA LEU B 36 -25.07 10.05 3.89
C LEU B 36 -25.52 8.64 3.54
N LYS B 37 -26.80 8.49 3.20
CA LYS B 37 -27.31 7.16 2.87
C LYS B 37 -26.49 6.53 1.74
N SER B 38 -26.14 7.32 0.73
CA SER B 38 -25.39 6.83 -0.42
C SER B 38 -23.88 6.86 -0.20
N GLY B 39 -23.40 7.55 0.82
CA GLY B 39 -21.98 7.83 0.98
C GLY B 39 -21.43 8.74 -0.10
N ILE B 40 -22.30 9.39 -0.88
CA ILE B 40 -21.90 10.21 -2.04
C ILE B 40 -22.51 11.60 -1.86
N SER B 41 -21.66 12.63 -1.90
CA SER B 41 -22.12 14.02 -1.92
C SER B 41 -21.21 14.84 -2.82
N GLY B 42 -21.75 15.34 -3.92
CA GLY B 42 -20.92 16.12 -4.84
C GLY B 42 -20.45 17.42 -4.22
N SER B 43 -21.31 18.07 -3.44
CA SER B 43 -20.95 19.30 -2.74
C SER B 43 -19.83 19.08 -1.72
N ARG B 44 -19.95 18.02 -0.91
CA ARG B 44 -18.90 17.76 0.07
C ARG B 44 -17.63 17.27 -0.60
N ILE B 45 -17.76 16.56 -1.72
CA ILE B 45 -16.56 16.16 -2.45
C ILE B 45 -15.86 17.38 -3.03
N LYS B 46 -16.63 18.30 -3.62
CA LYS B 46 -16.03 19.53 -4.13
C LYS B 46 -15.36 20.32 -3.02
N LYS B 47 -16.00 20.36 -1.83
CA LYS B 47 -15.43 21.09 -0.70
C LYS B 47 -14.08 20.51 -0.28
N LEU B 48 -14.00 19.17 -0.17
CA LEU B 48 -12.72 18.53 0.13
C LEU B 48 -11.69 18.80 -0.95
N THR B 49 -12.12 18.86 -2.21
CA THR B 49 -11.19 19.05 -3.31
C THR B 49 -10.62 20.46 -3.31
N THR B 50 -11.48 21.46 -3.07
CA THR B 50 -11.00 22.84 -2.95
C THR B 50 -10.03 22.99 -1.79
N TYR B 51 -10.29 22.34 -0.66
CA TYR B 51 -9.34 22.38 0.45
C TYR B 51 -8.01 21.75 0.06
N ALA B 52 -8.05 20.61 -0.63
CA ALA B 52 -6.80 19.94 -1.00
C ALA B 52 -5.99 20.78 -1.99
N LEU B 53 -6.67 21.49 -2.90
CA LEU B 53 -5.94 22.38 -3.80
C LEU B 53 -5.33 23.56 -3.06
N ASP B 54 -6.02 24.08 -2.04
CA ASP B 54 -5.53 25.23 -1.30
C ASP B 54 -4.44 24.87 -0.29
N HIS B 55 -4.13 23.60 -0.13
CA HIS B 55 -3.24 23.15 0.95
C HIS B 55 -2.35 22.01 0.46
N ILE B 56 -1.73 22.21 -0.72
CA ILE B 56 -0.83 21.20 -1.26
C ILE B 56 0.35 20.98 -0.31
N ASP B 57 0.76 22.00 0.42
CA ASP B 57 1.91 21.85 1.33
C ASP B 57 1.69 20.76 2.37
N ILE B 58 0.44 20.38 2.64
CA ILE B 58 0.18 19.28 3.58
C ILE B 58 -0.53 18.11 2.90
N GLU B 59 -0.30 17.92 1.59
CA GLU B 59 -0.98 16.83 0.88
C GLU B 59 -0.70 15.46 1.51
N SER B 60 0.45 15.31 2.18
CA SER B 60 0.79 14.01 2.76
C SER B 60 -0.26 13.55 3.77
N LYS B 61 -0.79 14.45 4.59
CA LYS B 61 -1.79 13.98 5.54
C LYS B 61 -3.21 14.04 4.98
N ILE B 62 -3.46 14.91 3.99
CA ILE B 62 -4.71 14.83 3.25
C ILE B 62 -4.83 13.47 2.56
N ILE B 63 -3.81 13.10 1.78
CA ILE B 63 -3.83 11.86 1.00
C ILE B 63 -3.90 10.66 1.93
N SER B 64 -3.12 10.66 3.01
CA SER B 64 -3.14 9.55 3.94
C SER B 64 -4.52 9.36 4.56
N LEU B 65 -5.20 10.46 4.89
CA LEU B 65 -6.56 10.38 5.40
C LEU B 65 -7.52 9.79 4.36
N ILE B 66 -7.48 10.28 3.12
CA ILE B 66 -8.51 9.77 2.19
C ILE B 66 -8.20 8.34 1.81
N ILE B 67 -6.92 7.94 1.86
CA ILE B 67 -6.58 6.54 1.66
C ILE B 67 -7.16 5.69 2.79
N ASP B 68 -6.97 6.12 4.05
CA ASP B 68 -7.54 5.36 5.15
C ASP B 68 -9.07 5.41 5.14
N TYR B 69 -9.67 6.53 4.73
CA TYR B 69 -11.12 6.57 4.64
C TYR B 69 -11.65 5.49 3.69
N SER B 70 -10.97 5.29 2.56
CA SER B 70 -11.36 4.21 1.66
C SER B 70 -11.17 2.85 2.33
N ARG B 71 -10.06 2.68 3.09
CA ARG B 71 -9.84 1.44 3.84
C ARG B 71 -10.93 1.18 4.87
N LEU B 72 -11.40 2.23 5.56
CA LEU B 72 -12.16 2.04 6.79
C LEU B 72 -13.66 2.31 6.67
N CYS B 73 -14.11 3.02 5.64
CA CYS B 73 -15.52 3.38 5.51
C CYS B 73 -16.36 2.12 5.29
N PRO B 74 -17.68 2.21 5.48
CA PRO B 74 -18.53 1.03 5.26
C PRO B 74 -18.48 0.57 3.82
N ASP B 75 -18.99 -0.66 3.60
CA ASP B 75 -18.93 -1.30 2.29
C ASP B 75 -19.70 -0.51 1.24
N SER B 76 -20.94 -0.12 1.54
CA SER B 76 -21.74 0.62 0.58
C SER B 76 -21.21 2.02 0.31
N HIS B 77 -20.28 2.51 1.13
CA HIS B 77 -19.66 3.81 0.97
C HIS B 77 -18.29 3.74 0.27
N LYS B 78 -17.82 2.54 -0.10
CA LYS B 78 -16.54 2.43 -0.78
C LYS B 78 -16.54 3.19 -2.10
N LEU B 79 -17.66 3.17 -2.82
CA LEU B 79 -17.74 3.85 -4.11
C LEU B 79 -17.50 5.34 -3.95
N GLY B 80 -18.21 5.96 -2.99
CA GLY B 80 -17.97 7.36 -2.70
C GLY B 80 -16.52 7.66 -2.33
N SER B 81 -15.87 6.75 -1.60
CA SER B 81 -14.47 6.96 -1.26
C SER B 81 -13.59 6.95 -2.51
N LEU B 82 -13.99 6.21 -3.53
CA LEU B 82 -13.28 6.28 -4.81
C LEU B 82 -13.59 7.58 -5.55
N TYR B 83 -14.80 8.14 -5.39
CA TYR B 83 -15.10 9.43 -5.98
C TYR B 83 -14.30 10.56 -5.33
N ILE B 84 -14.01 10.43 -4.04
CA ILE B 84 -13.16 11.41 -3.36
C ILE B 84 -11.75 11.36 -3.94
N ILE B 85 -11.22 10.15 -4.12
CA ILE B 85 -9.88 9.99 -4.67
C ILE B 85 -9.83 10.45 -6.14
N ASP B 86 -10.89 10.16 -6.89
CA ASP B 86 -10.99 10.66 -8.26
C ASP B 86 -10.94 12.19 -8.30
N SER B 87 -11.73 12.83 -7.44
CA SER B 87 -11.85 14.28 -7.49
C SER B 87 -10.55 14.96 -7.07
N ILE B 88 -9.99 14.55 -5.94
CA ILE B 88 -8.72 15.12 -5.51
C ILE B 88 -7.61 14.71 -6.44
N GLY B 89 -7.61 13.45 -6.88
CA GLY B 89 -6.52 12.96 -7.71
C GLY B 89 -6.43 13.69 -9.04
N ARG B 90 -7.57 13.84 -9.73
CA ARG B 90 -7.56 14.48 -11.05
C ARG B 90 -7.45 15.99 -10.93
N ALA B 91 -7.89 16.58 -9.81
CA ALA B 91 -7.59 17.98 -9.56
C ALA B 91 -6.08 18.20 -9.47
N TYR B 92 -5.40 17.36 -8.68
CA TYR B 92 -3.95 17.41 -8.58
C TYR B 92 -3.29 17.14 -9.94
N LEU B 93 -3.87 16.22 -10.72
CA LEU B 93 -3.28 15.89 -12.01
C LEU B 93 -3.27 17.09 -12.96
N ASP B 94 -4.35 17.87 -12.97
CA ASP B 94 -4.37 19.05 -13.84
C ASP B 94 -3.31 20.07 -13.41
N GLU B 95 -3.02 20.17 -12.11
CA GLU B 95 -1.99 21.10 -11.65
C GLU B 95 -0.60 20.69 -12.15
N THR B 96 -0.29 19.40 -12.13
CA THR B 96 1.02 18.94 -12.58
C THR B 96 1.23 19.15 -14.08
N ARG B 97 0.16 19.35 -14.83
CA ARG B 97 0.27 19.54 -16.28
C ARG B 97 0.29 21.02 -16.63
N LYS B 106 8.79 13.82 -3.61
CA LYS B 106 8.61 15.27 -3.58
C LYS B 106 7.46 15.71 -2.67
N PRO B 107 7.52 15.39 -1.38
CA PRO B 107 6.39 15.72 -0.49
C PRO B 107 6.11 17.21 -0.48
N GLY B 108 4.83 17.54 -0.43
CA GLY B 108 4.39 18.92 -0.61
C GLY B 108 4.08 19.30 -2.04
N THR B 109 3.92 18.32 -2.93
CA THR B 109 3.60 18.58 -4.33
C THR B 109 2.48 17.65 -4.79
N CYS B 110 1.77 18.09 -5.83
CA CYS B 110 0.70 17.29 -6.42
C CYS B 110 1.22 15.98 -6.99
N ALA B 111 2.40 16.02 -7.62
CA ALA B 111 2.95 14.81 -8.22
C ALA B 111 3.17 13.73 -7.17
N HIS B 112 3.69 14.11 -5.99
CA HIS B 112 3.93 13.13 -4.93
C HIS B 112 2.63 12.57 -4.38
N ALA B 113 1.61 13.42 -4.22
CA ALA B 113 0.29 12.95 -3.80
C ALA B 113 -0.26 11.91 -4.77
N ILE B 114 -0.21 12.21 -6.07
CA ILE B 114 -0.70 11.27 -7.09
C ILE B 114 0.11 9.99 -7.06
N ASN B 115 1.45 10.10 -6.93
CA ASN B 115 2.29 8.92 -6.78
C ASN B 115 1.85 8.07 -5.60
N THR B 116 1.56 8.72 -4.45
CA THR B 116 1.19 7.98 -3.26
C THR B 116 -0.14 7.25 -3.45
N LEU B 117 -1.13 7.95 -4.00
CA LEU B 117 -2.39 7.29 -4.36
C LEU B 117 -2.15 6.12 -5.30
N GLY B 118 -1.31 6.32 -6.33
CA GLY B 118 -1.01 5.23 -7.24
C GLY B 118 -0.42 4.00 -6.56
N GLU B 119 0.30 4.20 -5.44
CA GLU B 119 0.93 3.06 -4.79
C GLU B 119 -0.09 2.14 -4.14
N VAL B 120 -1.26 2.68 -3.75
CA VAL B 120 -2.26 1.91 -3.04
C VAL B 120 -3.55 1.74 -3.81
N ILE B 121 -3.68 2.36 -4.99
CA ILE B 121 -4.98 2.34 -5.66
C ILE B 121 -5.42 0.91 -5.96
N GLN B 122 -4.49 0.03 -6.31
CA GLN B 122 -4.85 -1.35 -6.62
C GLN B 122 -5.49 -2.03 -5.43
N GLU B 123 -4.89 -1.86 -4.24
CA GLU B 123 -5.48 -2.40 -3.03
C GLU B 123 -6.87 -1.83 -2.80
N LEU B 124 -7.00 -0.50 -2.93
CA LEU B 124 -8.29 0.14 -2.60
C LEU B 124 -9.37 -0.28 -3.57
N LEU B 125 -9.03 -0.35 -4.87
CA LEU B 125 -9.98 -0.82 -5.88
C LEU B 125 -10.42 -2.24 -5.59
N SER B 126 -9.47 -3.15 -5.39
CA SER B 126 -9.79 -4.56 -5.18
C SER B 126 -10.74 -4.73 -4.00
N ASP B 127 -10.43 -4.07 -2.88
CA ASP B 127 -11.30 -4.15 -1.72
C ASP B 127 -12.66 -3.51 -2.00
N ALA B 128 -12.67 -2.36 -2.69
CA ALA B 128 -13.94 -1.67 -2.92
C ALA B 128 -14.84 -2.48 -3.84
N ILE B 129 -14.28 -3.04 -4.92
CA ILE B 129 -15.09 -3.85 -5.82
C ILE B 129 -15.65 -5.07 -5.08
N ALA B 130 -14.79 -5.77 -4.34
CA ALA B 130 -15.23 -6.98 -3.65
C ALA B 130 -16.39 -6.69 -2.71
N LYS B 131 -16.35 -5.55 -2.02
CA LYS B 131 -17.37 -5.21 -1.03
C LYS B 131 -18.56 -4.44 -1.59
N SER B 132 -18.59 -4.13 -2.89
CA SER B 132 -19.72 -3.41 -3.46
C SER B 132 -20.76 -4.38 -4.02
N ASN B 133 -22.01 -3.90 -4.10
CA ASN B 133 -23.05 -4.62 -4.82
C ASN B 133 -22.90 -4.37 -6.32
N GLN B 134 -23.77 -4.99 -7.13
CA GLN B 134 -23.59 -4.95 -8.57
C GLN B 134 -23.75 -3.54 -9.14
N ASP B 135 -24.65 -2.74 -8.57
CA ASP B 135 -24.78 -1.34 -8.98
C ASP B 135 -23.47 -0.61 -8.78
N HIS B 136 -22.87 -0.71 -7.59
CA HIS B 136 -21.64 0.04 -7.36
C HIS B 136 -20.46 -0.57 -8.10
N LYS B 137 -20.44 -1.90 -8.28
CA LYS B 137 -19.41 -2.51 -9.12
C LYS B 137 -19.42 -1.91 -10.52
N GLU B 138 -20.62 -1.72 -11.08
CA GLU B 138 -20.72 -1.11 -12.40
C GLU B 138 -20.21 0.34 -12.38
N LYS B 139 -20.54 1.09 -11.33
CA LYS B 139 -20.07 2.46 -11.26
C LYS B 139 -18.56 2.52 -11.07
N ILE B 140 -17.96 1.53 -10.40
CA ILE B 140 -16.52 1.47 -10.30
C ILE B 140 -15.90 1.16 -11.65
N ARG B 141 -16.56 0.33 -12.45
CA ARG B 141 -16.08 0.08 -13.81
C ARG B 141 -16.05 1.35 -14.63
N MET B 142 -17.09 2.18 -14.52
CA MET B 142 -17.12 3.46 -15.22
C MET B 142 -15.97 4.35 -14.77
N LEU B 143 -15.67 4.35 -13.46
CA LEU B 143 -14.55 5.12 -12.96
C LEU B 143 -13.23 4.62 -13.55
N LEU B 144 -13.10 3.31 -13.70
CA LEU B 144 -11.89 2.76 -14.34
C LEU B 144 -11.73 3.29 -15.76
N ASP B 145 -12.85 3.47 -16.48
CA ASP B 145 -12.77 4.07 -17.81
C ASP B 145 -12.23 5.49 -17.74
N ILE B 146 -12.71 6.28 -16.77
CA ILE B 146 -12.27 7.66 -16.63
C ILE B 146 -10.79 7.72 -16.29
N TRP B 147 -10.33 6.88 -15.35
CA TRP B 147 -8.93 6.89 -14.97
C TRP B 147 -8.05 6.35 -16.09
N ASP B 148 -8.53 5.36 -16.83
CA ASP B 148 -7.79 4.90 -18.00
C ASP B 148 -7.58 6.02 -19.00
N ARG B 149 -8.64 6.75 -19.32
CA ARG B 149 -8.50 7.76 -20.37
C ARG B 149 -7.88 9.06 -19.86
N SER B 150 -7.98 9.37 -18.57
CA SER B 150 -7.39 10.61 -18.08
C SER B 150 -5.90 10.49 -17.78
N GLY B 151 -5.39 9.26 -17.60
CA GLY B 151 -4.00 9.08 -17.20
C GLY B 151 -3.72 9.27 -15.72
N LEU B 152 -4.74 9.22 -14.87
CA LEU B 152 -4.53 9.45 -13.43
C LEU B 152 -3.62 8.38 -12.81
N PHE B 153 -3.85 7.11 -13.13
CA PHE B 153 -2.99 6.05 -12.63
C PHE B 153 -2.40 5.27 -13.79
N GLN B 154 -1.31 4.55 -13.51
CA GLN B 154 -0.73 3.66 -14.49
C GLN B 154 -1.79 2.71 -15.05
N LYS B 155 -1.93 2.71 -16.37
CA LYS B 155 -2.83 1.77 -17.02
C LYS B 155 -2.50 0.33 -16.65
N SER B 156 -1.21 0.03 -16.44
CA SER B 156 -0.84 -1.35 -16.09
C SER B 156 -1.46 -1.77 -14.76
N TYR B 157 -1.60 -0.83 -13.82
CA TYR B 157 -2.26 -1.15 -12.55
C TYR B 157 -3.75 -1.37 -12.77
N LEU B 158 -4.39 -0.45 -13.49
CA LEU B 158 -5.80 -0.59 -13.81
C LEU B 158 -6.07 -1.88 -14.59
N ASN B 159 -5.16 -2.23 -15.52
CA ASN B 159 -5.30 -3.50 -16.24
C ASN B 159 -5.35 -4.69 -15.27
N ALA B 160 -4.42 -4.72 -14.30
CA ALA B 160 -4.39 -5.81 -13.33
C ALA B 160 -5.73 -5.93 -12.61
N ILE B 161 -6.28 -4.78 -12.18
CA ILE B 161 -7.57 -4.79 -11.48
C ILE B 161 -8.68 -5.22 -12.41
N ARG B 162 -8.75 -4.62 -13.60
CA ARG B 162 -9.86 -4.87 -14.51
C ARG B 162 -9.87 -6.31 -14.99
N SER B 163 -8.69 -6.90 -15.21
CA SER B 163 -8.63 -8.29 -15.65
C SER B 163 -8.99 -9.24 -14.52
N LYS B 164 -8.70 -8.86 -13.28
CA LYS B 164 -9.10 -9.68 -12.14
C LYS B 164 -10.59 -9.59 -11.87
N CYS B 165 -11.12 -8.37 -11.77
CA CYS B 165 -12.46 -8.14 -11.24
C CYS B 165 -13.54 -7.99 -12.30
N PHE B 166 -13.18 -7.89 -13.58
CA PHE B 166 -14.21 -7.74 -14.62
C PHE B 166 -13.88 -8.60 -15.83
N MET C 21 1.58 -12.91 9.62
CA MET C 21 0.65 -11.79 9.53
C MET C 21 1.30 -10.60 8.83
N ASP C 22 0.63 -10.04 7.82
CA ASP C 22 1.18 -8.91 7.06
C ASP C 22 0.27 -7.69 7.19
N PHE C 23 0.70 -6.60 6.54
CA PHE C 23 0.02 -5.33 6.76
C PHE C 23 -1.41 -5.35 6.25
N GLN C 24 -1.69 -6.11 5.19
CA GLN C 24 -3.07 -6.25 4.75
C GLN C 24 -3.92 -7.01 5.75
N ASN C 25 -3.34 -7.99 6.46
CA ASN C 25 -4.04 -8.63 7.57
C ASN C 25 -4.28 -7.63 8.71
N PHE C 26 -3.34 -6.73 8.96
CA PHE C 26 -3.55 -5.66 9.93
C PHE C 26 -4.72 -4.77 9.51
N VAL C 27 -4.74 -4.32 8.25
CA VAL C 27 -5.87 -3.54 7.75
C VAL C 27 -7.18 -4.29 7.96
N ALA C 28 -7.21 -5.56 7.53
CA ALA C 28 -8.43 -6.35 7.64
C ALA C 28 -8.84 -6.58 9.10
N THR C 29 -7.87 -6.86 9.98
CA THR C 29 -8.20 -7.10 11.39
C THR C 29 -8.79 -5.85 12.03
N LEU C 30 -8.29 -4.68 11.66
CA LEU C 30 -8.81 -3.42 12.19
C LEU C 30 -10.20 -3.12 11.65
N GLU C 31 -10.43 -3.37 10.35
CA GLU C 31 -11.75 -3.21 9.74
C GLU C 31 -12.79 -4.07 10.45
N SER C 32 -12.39 -5.28 10.86
CA SER C 32 -13.33 -6.24 11.44
C SER C 32 -13.94 -5.77 12.74
N PHE C 33 -13.41 -4.70 13.34
CA PHE C 33 -13.99 -4.19 14.57
C PHE C 33 -15.40 -3.68 14.37
N LYS C 34 -15.79 -3.39 13.13
CA LYS C 34 -17.18 -2.99 12.88
C LYS C 34 -18.15 -4.13 13.15
N ASP C 35 -17.71 -5.38 13.06
CA ASP C 35 -18.53 -6.54 13.35
C ASP C 35 -18.72 -6.80 14.83
N LEU C 36 -18.02 -6.07 15.70
CA LEU C 36 -18.14 -6.25 17.15
C LEU C 36 -19.13 -5.23 17.69
N LYS C 37 -20.14 -5.70 18.44
CA LYS C 37 -21.12 -4.81 19.04
C LYS C 37 -20.44 -3.77 19.93
N SER C 38 -19.65 -4.24 20.90
CA SER C 38 -18.92 -3.36 21.80
C SER C 38 -17.87 -2.53 21.09
N GLY C 39 -17.43 -2.96 19.90
CA GLY C 39 -16.26 -2.34 19.29
C GLY C 39 -14.96 -2.66 19.98
N ILE C 40 -14.97 -3.65 20.87
CA ILE C 40 -13.87 -3.95 21.76
C ILE C 40 -13.63 -5.45 21.75
N SER C 41 -12.36 -5.83 21.70
CA SER C 41 -11.96 -7.24 21.73
C SER C 41 -10.52 -7.28 22.21
N GLY C 42 -10.30 -7.77 23.43
CA GLY C 42 -8.96 -7.81 23.98
C GLY C 42 -8.03 -8.70 23.17
N SER C 43 -8.57 -9.78 22.60
CA SER C 43 -7.74 -10.69 21.83
C SER C 43 -7.34 -10.08 20.49
N ARG C 44 -8.27 -9.36 19.84
CA ARG C 44 -7.91 -8.71 18.59
C ARG C 44 -7.03 -7.48 18.82
N ILE C 45 -7.19 -6.81 19.96
CA ILE C 45 -6.29 -5.72 20.27
C ILE C 45 -4.88 -6.25 20.54
N LYS C 46 -4.78 -7.36 21.26
CA LYS C 46 -3.48 -7.99 21.47
C LYS C 46 -2.83 -8.37 20.14
N LYS C 47 -3.63 -8.85 19.19
CA LYS C 47 -3.11 -9.21 17.88
C LYS C 47 -2.59 -7.98 17.13
N LEU C 48 -3.35 -6.88 17.17
CA LEU C 48 -2.88 -5.65 16.53
C LEU C 48 -1.62 -5.15 17.20
N THR C 49 -1.53 -5.31 18.52
CA THR C 49 -0.38 -4.79 19.26
C THR C 49 0.88 -5.59 18.96
N THR C 50 0.77 -6.92 18.95
CA THR C 50 1.92 -7.76 18.62
C THR C 50 2.44 -7.45 17.22
N TYR C 51 1.55 -7.25 16.25
CA TYR C 51 1.97 -6.85 14.91
C TYR C 51 2.70 -5.52 14.93
N ALA C 52 2.14 -4.54 15.64
CA ALA C 52 2.77 -3.22 15.70
C ALA C 52 4.16 -3.29 16.32
N LEU C 53 4.35 -4.14 17.34
CA LEU C 53 5.67 -4.27 17.95
C LEU C 53 6.65 -5.01 17.05
N ASP C 54 6.16 -5.80 16.11
CA ASP C 54 7.03 -6.54 15.20
C ASP C 54 7.27 -5.80 13.90
N HIS C 55 6.65 -4.64 13.70
CA HIS C 55 6.78 -3.91 12.43
C HIS C 55 6.91 -2.42 12.68
N ILE C 56 7.78 -2.04 13.63
CA ILE C 56 7.98 -0.63 13.92
C ILE C 56 8.59 0.09 12.73
N ASP C 57 9.22 -0.66 11.81
CA ASP C 57 9.77 -0.07 10.61
C ASP C 57 8.69 0.57 9.74
N ILE C 58 7.43 0.13 9.86
CA ILE C 58 6.32 0.78 9.17
C ILE C 58 5.32 1.38 10.16
N GLU C 59 5.82 1.87 11.29
CA GLU C 59 4.91 2.47 12.27
C GLU C 59 4.11 3.63 11.67
N SER C 60 4.72 4.40 10.76
CA SER C 60 4.02 5.58 10.23
C SER C 60 2.66 5.23 9.67
N LYS C 61 2.56 4.13 8.92
CA LYS C 61 1.26 3.78 8.37
C LYS C 61 0.41 2.96 9.32
N ILE C 62 1.01 2.20 10.24
CA ILE C 62 0.24 1.61 11.34
C ILE C 62 -0.45 2.71 12.15
N ILE C 63 0.29 3.77 12.46
CA ILE C 63 -0.23 4.83 13.31
C ILE C 63 -1.27 5.67 12.57
N SER C 64 -1.03 6.02 11.31
CA SER C 64 -2.07 6.77 10.60
C SER C 64 -3.37 6.00 10.54
N LEU C 65 -3.28 4.67 10.44
CA LEU C 65 -4.47 3.83 10.32
C LEU C 65 -5.27 3.79 11.62
N ILE C 66 -4.60 3.66 12.77
CA ILE C 66 -5.39 3.62 14.01
C ILE C 66 -5.88 5.02 14.39
N ILE C 67 -5.17 6.07 13.99
CA ILE C 67 -5.72 7.42 14.14
C ILE C 67 -6.98 7.56 13.31
N ASP C 68 -6.92 7.15 12.05
CA ASP C 68 -8.06 7.36 11.18
C ASP C 68 -9.20 6.42 11.54
N TYR C 69 -8.90 5.23 12.06
CA TYR C 69 -9.97 4.38 12.59
C TYR C 69 -10.70 5.07 13.75
N SER C 70 -9.96 5.73 14.66
CA SER C 70 -10.63 6.43 15.74
C SER C 70 -11.48 7.59 15.21
N ARG C 71 -11.00 8.29 14.17
CA ARG C 71 -11.76 9.38 13.58
C ARG C 71 -13.06 8.89 12.96
N LEU C 72 -13.08 7.68 12.41
CA LEU C 72 -14.12 7.24 11.49
C LEU C 72 -15.02 6.14 12.02
N CYS C 73 -14.64 5.47 13.11
CA CYS C 73 -15.45 4.36 13.60
C CYS C 73 -16.80 4.87 14.15
N PRO C 74 -17.77 3.98 14.38
CA PRO C 74 -19.06 4.42 14.94
C PRO C 74 -18.91 4.99 16.35
N ASP C 75 -19.94 5.73 16.78
CA ASP C 75 -19.89 6.43 18.06
C ASP C 75 -19.67 5.47 19.22
N SER C 76 -20.47 4.40 19.29
CA SER C 76 -20.35 3.42 20.36
C SER C 76 -19.01 2.67 20.32
N HIS C 77 -18.30 2.73 19.19
CA HIS C 77 -17.03 2.03 19.03
C HIS C 77 -15.83 2.90 19.35
N LYS C 78 -16.05 4.18 19.64
CA LYS C 78 -14.92 5.09 19.85
C LYS C 78 -14.09 4.71 21.06
N LEU C 79 -14.72 4.15 22.11
CA LEU C 79 -13.94 3.68 23.26
C LEU C 79 -12.93 2.63 22.84
N GLY C 80 -13.38 1.63 22.08
CA GLY C 80 -12.46 0.59 21.62
C GLY C 80 -11.31 1.15 20.80
N SER C 81 -11.56 2.21 20.03
CA SER C 81 -10.47 2.81 19.25
C SER C 81 -9.44 3.48 20.15
N LEU C 82 -9.85 4.00 21.30
CA LEU C 82 -8.88 4.53 22.25
C LEU C 82 -8.14 3.41 22.96
N TYR C 83 -8.80 2.26 23.16
CA TYR C 83 -8.12 1.07 23.69
C TYR C 83 -7.07 0.54 22.72
N ILE C 84 -7.35 0.58 21.42
CA ILE C 84 -6.33 0.18 20.43
C ILE C 84 -5.12 1.10 20.54
N ILE C 85 -5.37 2.41 20.61
CA ILE C 85 -4.30 3.39 20.76
C ILE C 85 -3.60 3.24 22.11
N ASP C 86 -4.35 2.89 23.16
CA ASP C 86 -3.71 2.66 24.46
C ASP C 86 -2.76 1.47 24.40
N SER C 87 -3.22 0.36 23.82
CA SER C 87 -2.41 -0.85 23.78
C SER C 87 -1.15 -0.67 22.94
N ILE C 88 -1.29 -0.11 21.74
CA ILE C 88 -0.11 0.12 20.90
C ILE C 88 0.73 1.26 21.47
N GLY C 89 0.07 2.29 21.99
CA GLY C 89 0.80 3.46 22.48
C GLY C 89 1.68 3.13 23.67
N ARG C 90 1.14 2.41 24.65
CA ARG C 90 1.93 2.04 25.82
C ARG C 90 2.90 0.90 25.54
N ALA C 91 2.58 0.00 24.60
CA ALA C 91 3.60 -0.97 24.18
C ALA C 91 4.80 -0.24 23.59
N TYR C 92 4.55 0.76 22.75
CA TYR C 92 5.62 1.56 22.18
C TYR C 92 6.33 2.40 23.26
N LEU C 93 5.56 2.90 24.23
CA LEU C 93 6.19 3.68 25.30
C LEU C 93 7.15 2.82 26.11
N ASP C 94 6.73 1.60 26.44
CA ASP C 94 7.64 0.64 27.08
C ASP C 94 8.91 0.44 26.26
N GLU C 95 8.81 0.33 24.93
CA GLU C 95 10.02 0.22 24.12
C GLU C 95 10.93 1.43 24.32
N THR C 96 10.36 2.65 24.27
CA THR C 96 11.23 3.82 24.40
C THR C 96 11.98 3.82 25.73
N ARG C 97 11.36 3.30 26.79
CA ARG C 97 12.01 3.28 28.09
C ARG C 97 12.97 2.11 28.25
N SER C 98 12.71 0.97 27.59
CA SER C 98 13.71 -0.09 27.55
C SER C 98 14.94 0.34 26.76
N ASN C 99 14.73 1.12 25.69
CA ASN C 99 15.78 1.42 24.72
C ASN C 99 16.36 2.81 24.88
N SER C 100 15.90 3.57 25.88
CA SER C 100 16.35 4.95 26.12
C SER C 100 16.37 5.77 24.84
N ASN C 101 15.24 5.76 24.12
CA ASN C 101 15.17 6.38 22.79
C ASN C 101 14.17 7.52 22.82
N SER C 102 14.52 8.64 22.17
CA SER C 102 13.68 9.83 22.18
C SER C 102 13.70 10.53 20.82
N SER C 103 13.85 9.75 19.74
CA SER C 103 13.88 10.26 18.38
C SER C 103 12.43 10.46 17.88
N SER C 104 11.77 11.44 18.50
CA SER C 104 10.35 11.68 18.29
C SER C 104 10.03 12.24 16.91
N ASN C 105 11.03 12.61 16.14
CA ASN C 105 10.80 13.07 14.77
C ASN C 105 11.20 12.05 13.73
N LYS C 106 11.83 10.94 14.12
CA LYS C 106 12.44 10.04 13.17
C LYS C 106 11.46 8.95 12.78
N PRO C 107 11.00 8.88 11.52
CA PRO C 107 10.06 7.82 11.13
C PRO C 107 10.66 6.44 11.35
N GLY C 108 9.79 5.47 11.62
CA GLY C 108 10.24 4.12 11.91
C GLY C 108 10.68 3.87 13.34
N THR C 109 10.28 4.72 14.28
CA THR C 109 10.66 4.56 15.67
C THR C 109 9.42 4.65 16.55
N CYS C 110 9.52 4.05 17.74
CA CYS C 110 8.41 4.12 18.68
C CYS C 110 8.16 5.54 19.15
N ALA C 111 9.23 6.34 19.29
CA ALA C 111 9.06 7.69 19.81
C ALA C 111 8.30 8.56 18.82
N HIS C 112 8.54 8.34 17.52
CA HIS C 112 7.82 9.10 16.49
C HIS C 112 6.35 8.71 16.44
N ALA C 113 6.06 7.41 16.59
CA ALA C 113 4.69 6.94 16.61
C ALA C 113 3.92 7.57 17.76
N ILE C 114 4.53 7.58 18.95
CA ILE C 114 3.88 8.21 20.10
C ILE C 114 3.69 9.70 19.87
N ASN C 115 4.71 10.36 19.30
CA ASN C 115 4.59 11.79 19.02
C ASN C 115 3.45 12.05 18.04
N THR C 116 3.34 11.23 17.00
CA THR C 116 2.27 11.39 16.01
C THR C 116 0.91 11.26 16.67
N LEU C 117 0.71 10.19 17.45
CA LEU C 117 -0.53 10.03 18.22
C LEU C 117 -0.78 11.24 19.12
N GLY C 118 0.26 11.73 19.79
CA GLY C 118 0.06 12.84 20.73
C GLY C 118 -0.46 14.09 20.06
N GLU C 119 -0.01 14.36 18.83
CA GLU C 119 -0.41 15.57 18.12
C GLU C 119 -1.89 15.57 17.73
N VAL C 120 -2.55 14.42 17.77
CA VAL C 120 -3.98 14.33 17.48
C VAL C 120 -4.79 13.87 18.67
N ILE C 121 -4.17 13.59 19.82
CA ILE C 121 -4.91 12.88 20.85
C ILE C 121 -6.02 13.77 21.42
N GLN C 122 -5.79 15.09 21.44
CA GLN C 122 -6.80 16.02 21.94
C GLN C 122 -8.03 15.98 21.05
N GLU C 123 -7.83 15.97 19.73
CA GLU C 123 -8.95 15.84 18.82
C GLU C 123 -9.68 14.52 19.02
N LEU C 124 -8.92 13.43 19.16
CA LEU C 124 -9.54 12.11 19.26
C LEU C 124 -10.30 11.93 20.58
N LEU C 125 -9.78 12.50 21.66
CA LEU C 125 -10.45 12.40 22.95
C LEU C 125 -11.75 13.21 22.98
N SER C 126 -11.68 14.48 22.56
CA SER C 126 -12.87 15.34 22.48
C SER C 126 -14.00 14.62 21.77
N ASP C 127 -13.72 14.12 20.55
CA ASP C 127 -14.77 13.50 19.75
C ASP C 127 -15.27 12.21 20.39
N ALA C 128 -14.36 11.38 20.92
CA ALA C 128 -14.77 10.14 21.55
C ALA C 128 -15.65 10.38 22.77
N ILE C 129 -15.31 11.39 23.57
CA ILE C 129 -16.10 11.68 24.77
C ILE C 129 -17.47 12.21 24.37
N ALA C 130 -17.50 13.20 23.47
CA ALA C 130 -18.76 13.84 23.09
C ALA C 130 -19.72 12.85 22.44
N LYS C 131 -19.22 11.83 21.77
CA LYS C 131 -20.08 10.86 21.11
C LYS C 131 -20.29 9.58 21.91
N SER C 132 -19.74 9.49 23.12
CA SER C 132 -19.95 8.33 23.98
C SER C 132 -21.14 8.55 24.92
N ASN C 133 -21.76 7.46 25.33
CA ASN C 133 -22.73 7.53 26.41
C ASN C 133 -21.99 7.76 27.73
N GLN C 134 -22.75 7.80 28.83
CA GLN C 134 -22.15 8.09 30.13
C GLN C 134 -21.21 6.96 30.58
N ASP C 135 -21.57 5.71 30.31
CA ASP C 135 -20.71 4.59 30.70
C ASP C 135 -19.37 4.63 29.97
N HIS C 136 -19.39 4.84 28.66
CA HIS C 136 -18.13 4.94 27.92
C HIS C 136 -17.36 6.20 28.30
N LYS C 137 -18.06 7.29 28.62
CA LYS C 137 -17.38 8.51 29.04
C LYS C 137 -16.59 8.28 30.33
N GLU C 138 -17.16 7.52 31.27
CA GLU C 138 -16.44 7.18 32.50
C GLU C 138 -15.26 6.26 32.21
N LYS C 139 -15.39 5.36 31.23
CA LYS C 139 -14.27 4.49 30.86
C LYS C 139 -13.17 5.27 30.17
N ILE C 140 -13.52 6.30 29.39
CA ILE C 140 -12.48 7.16 28.82
C ILE C 140 -11.75 7.94 29.91
N ARG C 141 -12.48 8.37 30.94
CA ARG C 141 -11.83 9.08 32.05
C ARG C 141 -10.78 8.22 32.72
N MET C 142 -11.10 6.93 32.96
CA MET C 142 -10.11 6.02 33.53
C MET C 142 -8.89 5.92 32.63
N LEU C 143 -9.13 5.89 31.32
CA LEU C 143 -8.02 5.84 30.38
C LEU C 143 -7.17 7.11 30.47
N LEU C 144 -7.81 8.27 30.61
CA LEU C 144 -7.07 9.52 30.75
C LEU C 144 -6.21 9.50 32.01
N ASP C 145 -6.76 9.00 33.12
CA ASP C 145 -5.95 8.86 34.33
C ASP C 145 -4.71 8.00 34.06
N ILE C 146 -4.89 6.89 33.34
CA ILE C 146 -3.78 5.99 33.04
C ILE C 146 -2.73 6.65 32.16
N TRP C 147 -3.16 7.39 31.14
CA TRP C 147 -2.21 8.03 30.24
C TRP C 147 -1.44 9.14 30.95
N ASP C 148 -2.12 9.87 31.82
CA ASP C 148 -1.48 10.93 32.61
C ASP C 148 -0.45 10.33 33.55
N ARG C 149 -0.83 9.26 34.24
CA ARG C 149 0.08 8.59 35.16
C ARG C 149 1.25 7.95 34.42
N SER C 150 0.99 7.36 33.24
CA SER C 150 2.02 6.67 32.47
C SER C 150 3.02 7.62 31.82
N GLY C 151 2.65 8.88 31.61
CA GLY C 151 3.45 9.73 30.77
C GLY C 151 3.32 9.45 29.28
N LEU C 152 2.23 8.81 28.84
CA LEU C 152 2.11 8.42 27.44
C LEU C 152 2.09 9.65 26.53
N PHE C 153 1.22 10.61 26.79
CA PHE C 153 1.12 11.78 25.95
C PHE C 153 1.48 13.03 26.74
N GLN C 154 1.65 14.13 26.01
CA GLN C 154 1.94 15.41 26.64
C GLN C 154 0.82 15.80 27.60
N LYS C 155 1.20 16.24 28.79
CA LYS C 155 0.20 16.44 29.84
C LYS C 155 -0.58 17.75 29.68
N SER C 156 -0.03 18.73 28.97
CA SER C 156 -0.85 19.88 28.60
C SER C 156 -2.01 19.47 27.69
N TYR C 157 -1.81 18.45 26.83
CA TYR C 157 -2.91 17.97 26.01
C TYR C 157 -3.96 17.27 26.85
N LEU C 158 -3.52 16.42 27.78
CA LEU C 158 -4.47 15.69 28.61
C LEU C 158 -5.20 16.63 29.56
N ASN C 159 -4.48 17.59 30.14
CA ASN C 159 -5.11 18.59 31.01
C ASN C 159 -6.22 19.35 30.29
N ALA C 160 -6.01 19.70 29.02
CA ALA C 160 -7.04 20.41 28.28
C ALA C 160 -8.31 19.59 28.17
N ILE C 161 -8.15 18.28 27.94
CA ILE C 161 -9.30 17.38 27.89
C ILE C 161 -9.95 17.24 29.26
N ARG C 162 -9.12 17.05 30.29
CA ARG C 162 -9.63 16.98 31.65
C ARG C 162 -10.37 18.27 32.03
N SER C 163 -9.80 19.42 31.68
CA SER C 163 -10.45 20.69 31.98
C SER C 163 -11.77 20.83 31.24
N LYS C 164 -11.86 20.30 30.03
CA LYS C 164 -13.06 20.51 29.24
C LYS C 164 -14.14 19.47 29.51
N CYS C 165 -13.77 18.24 29.86
CA CYS C 165 -14.71 17.15 29.95
C CYS C 165 -14.87 16.56 31.35
N PHE C 166 -13.86 16.63 32.20
CA PHE C 166 -13.87 15.85 33.45
C PHE C 166 -13.62 16.70 34.70
N ASP D 4 7.20 -30.00 -14.67
CA ASP D 4 7.11 -28.59 -14.29
C ASP D 4 8.15 -27.80 -15.06
N ASP D 5 8.28 -28.12 -16.34
CA ASP D 5 9.25 -27.43 -17.16
C ASP D 5 8.81 -25.99 -17.40
N TYR D 6 9.74 -25.22 -17.96
CA TYR D 6 9.43 -23.91 -18.53
C TYR D 6 9.87 -23.95 -19.99
N THR D 7 8.93 -23.70 -20.88
CA THR D 7 9.27 -23.48 -22.28
C THR D 7 8.82 -22.08 -22.64
N PRO D 8 9.73 -21.17 -22.98
CA PRO D 8 9.31 -19.84 -23.40
C PRO D 8 8.54 -19.90 -24.71
N SER D 9 7.43 -19.17 -24.78
CA SER D 9 6.57 -19.19 -25.95
C SER D 9 6.82 -18.00 -26.86
N ASP E 4 -27.37 16.64 -4.63
CA ASP E 4 -25.99 16.58 -4.16
C ASP E 4 -25.32 15.32 -4.70
N ASP E 5 -25.51 15.05 -5.99
CA ASP E 5 -25.01 13.85 -6.60
C ASP E 5 -23.60 14.10 -7.18
N TYR E 6 -22.90 13.00 -7.47
CA TYR E 6 -21.57 13.07 -8.07
C TYR E 6 -21.53 12.20 -9.32
N THR E 7 -21.39 12.84 -10.48
CA THR E 7 -21.00 12.17 -11.71
C THR E 7 -19.62 12.65 -12.09
N PRO E 8 -18.64 11.76 -12.25
CA PRO E 8 -17.27 12.22 -12.52
C PRO E 8 -17.15 12.82 -13.92
N SER E 9 -16.56 14.02 -13.99
CA SER E 9 -16.38 14.72 -15.26
C SER E 9 -15.04 14.38 -15.88
N ASP F 4 -14.31 -11.60 26.43
CA ASP F 4 -13.13 -11.11 25.72
C ASP F 4 -13.02 -9.59 25.85
N ASP F 5 -12.86 -9.12 27.08
CA ASP F 5 -12.81 -7.70 27.36
C ASP F 5 -11.37 -7.19 27.28
N TYR F 6 -11.25 -5.86 27.24
CA TYR F 6 -9.97 -5.17 27.36
C TYR F 6 -9.99 -4.34 28.63
N THR F 7 -9.03 -4.57 29.51
CA THR F 7 -8.84 -3.73 30.67
C THR F 7 -7.42 -3.15 30.62
N PRO F 8 -7.27 -1.83 30.59
CA PRO F 8 -5.92 -1.27 30.58
C PRO F 8 -5.27 -1.38 31.96
N SER F 9 -3.98 -1.68 31.98
CA SER F 9 -3.25 -1.94 33.22
C SER F 9 -2.59 -0.67 33.76
#